data_3T66
#
_entry.id   3T66
#
_cell.length_a   124.047
_cell.length_b   147.127
_cell.length_c   75.066
_cell.angle_alpha   90.00
_cell.angle_beta   90.00
_cell.angle_gamma   90.00
#
_symmetry.space_group_name_H-M   'C 2 2 21'
#
loop_
_entity.id
_entity.type
_entity.pdbx_description
1 polymer 'Nickel ABC transporter (Nickel-binding protein)'
2 non-polymer 'CALCIUM ION'
3 water water
#
_entity_poly.entity_id   1
_entity_poly.type   'polypeptide(L)'
_entity_poly.pdbx_seq_one_letter_code
;MVQSSSNEGAGEKHIHFLFNVSTNSLDPHVDMTYIPVRAGITETLVRVDEENVTIAPWLAESWDSTDGQHWTIKLREDVT
FQNGKEMDAEAVKASLERALDESVAIENALKIDEIEADGYTLHITTKEPFPEFISELVNPNVSIIDVTEEDFTNHPVGTG
PFALESFTPGSKLELVRYDEYWDGASKLDSVTFSFNEDASARSLALESGQADIVYRPEVESIETLQANEGIMVEATETFR
THNLTMNLDRDSLKDVNVRRAVDVLLDRQEIVDTIMLGYAEVADGPFIPTLPFAPSYEKKETGTDIAIQYLEEAGYTLEN
GQMQKDGEPLHFTVLTYGSRAELPLIAQVFQSNAKQIGIEVEIRQIEVPEEYMASNRDWDLITYSNVTSPRGDAGYYLNA
TYHPTGALNFSSVNDPELTGIIDELNRTVDQDVRAKLTEQAAAYIDEQKIHSFLIHPSAVVAYDENKVKNWVTTRSEYYM
ITNQLDVNAENLYFQS
;
_entity_poly.pdbx_strand_id   A
#
loop_
_chem_comp.id
_chem_comp.type
_chem_comp.name
_chem_comp.formula
CA non-polymer 'CALCIUM ION' 'Ca 2'
#
# COMPACT_ATOMS: atom_id res chain seq x y z
N GLU A 12 16.29 -32.55 6.03
CA GLU A 12 16.34 -31.25 5.25
C GLU A 12 15.16 -30.29 5.46
N LYS A 13 15.51 -29.00 5.60
CA LYS A 13 14.51 -27.96 5.90
C LYS A 13 14.01 -27.20 4.68
N HIS A 14 12.75 -27.47 4.29
CA HIS A 14 12.22 -26.95 3.05
C HIS A 14 10.84 -26.32 3.18
N ILE A 15 10.62 -25.25 2.42
CA ILE A 15 9.41 -24.47 2.48
C ILE A 15 8.96 -24.24 1.07
N HIS A 16 7.71 -24.63 0.79
CA HIS A 16 7.11 -24.37 -0.49
C HIS A 16 6.08 -23.31 -0.30
N PHE A 17 6.33 -22.19 -0.93
CA PHE A 17 5.52 -21.00 -0.81
C PHE A 17 4.97 -20.77 -2.18
N LEU A 18 3.69 -20.48 -2.18
CA LEU A 18 2.88 -20.49 -3.40
C LEU A 18 2.19 -19.15 -3.58
N PHE A 19 2.65 -18.45 -4.60
CA PHE A 19 2.40 -17.05 -4.65
C PHE A 19 1.30 -16.65 -5.62
N ASN A 20 0.88 -15.41 -5.44
CA ASN A 20 -0.28 -14.80 -6.02
C ASN A 20 -0.26 -14.67 -7.55
N VAL A 21 0.94 -14.44 -8.09
CA VAL A 21 1.20 -13.72 -9.33
C VAL A 21 2.45 -14.31 -9.99
N SER A 22 2.49 -14.32 -11.31
CA SER A 22 3.53 -15.03 -12.06
C SER A 22 4.43 -14.02 -12.73
N THR A 23 5.51 -14.49 -13.33
CA THR A 23 6.45 -13.60 -13.96
C THR A 23 7.36 -14.43 -14.84
N ASN A 24 8.00 -13.82 -15.84
CA ASN A 24 8.93 -14.55 -16.70
C ASN A 24 10.31 -13.93 -16.59
N SER A 25 10.39 -12.98 -15.67
CA SER A 25 11.62 -12.26 -15.47
C SER A 25 11.94 -12.23 -14.00
N LEU A 26 13.21 -12.15 -13.67
CA LEU A 26 13.60 -11.87 -12.29
C LEU A 26 14.57 -10.71 -12.32
N ASP A 27 14.46 -9.88 -13.33
CA ASP A 27 15.21 -8.67 -13.27
C ASP A 27 14.56 -7.68 -12.27
N PRO A 28 15.16 -7.53 -11.05
CA PRO A 28 14.50 -6.68 -10.05
C PRO A 28 14.25 -5.28 -10.57
N HIS A 29 14.94 -4.92 -11.63
CA HIS A 29 14.75 -3.60 -12.22
C HIS A 29 13.60 -3.45 -13.20
N VAL A 30 13.36 -4.44 -14.06
CA VAL A 30 12.21 -4.39 -14.96
C VAL A 30 10.97 -5.03 -14.31
N ASP A 31 11.14 -5.88 -13.32
CA ASP A 31 10.08 -6.81 -12.93
C ASP A 31 8.71 -6.38 -12.45
N MET A 32 8.58 -5.48 -11.52
CA MET A 32 7.24 -4.99 -11.24
C MET A 32 6.38 -5.95 -10.43
N THR A 33 6.91 -7.12 -10.11
CA THR A 33 6.15 -8.11 -9.38
C THR A 33 6.78 -8.24 -8.05
N TYR A 34 7.99 -7.75 -8.01
CA TYR A 34 8.80 -7.58 -6.79
C TYR A 34 9.25 -8.87 -6.20
N ILE A 35 9.22 -9.89 -7.03
CA ILE A 35 9.46 -11.24 -6.60
C ILE A 35 10.88 -11.40 -6.11
N PRO A 36 11.84 -10.76 -6.77
CA PRO A 36 13.20 -10.86 -6.23
C PRO A 36 13.26 -10.62 -4.73
N VAL A 37 12.71 -9.51 -4.29
CA VAL A 37 12.68 -9.18 -2.88
C VAL A 37 11.76 -10.12 -2.10
N ARG A 38 10.63 -10.48 -2.71
CA ARG A 38 9.67 -11.37 -2.06
C ARG A 38 10.22 -12.77 -1.74
N ALA A 39 11.09 -13.26 -2.60
CA ALA A 39 11.61 -14.59 -2.43
C ALA A 39 12.91 -14.51 -1.66
N GLY A 40 13.35 -13.31 -1.35
CA GLY A 40 14.52 -13.11 -0.50
C GLY A 40 15.82 -13.29 -1.25
N ILE A 41 15.84 -12.92 -2.52
CA ILE A 41 17.09 -12.91 -3.27
C ILE A 41 17.82 -11.58 -3.03
N THR A 42 16.99 -10.56 -2.81
CA THR A 42 17.34 -9.21 -3.12
C THR A 42 16.75 -8.30 -2.06
N GLU A 43 17.42 -7.18 -1.78
CA GLU A 43 17.03 -6.23 -0.72
C GLU A 43 17.29 -4.77 -1.08
N THR A 44 16.85 -3.83 -0.26
CA THR A 44 16.86 -2.45 -0.69
C THR A 44 17.73 -1.68 0.27
N LEU A 45 18.07 -0.43 -0.03
CA LEU A 45 18.85 0.37 0.90
C LEU A 45 18.11 0.67 2.20
N VAL A 46 16.80 0.63 2.10
CA VAL A 46 16.00 1.17 3.16
C VAL A 46 14.73 0.38 3.12
N ARG A 47 14.06 0.21 4.26
CA ARG A 47 12.87 -0.67 4.37
C ARG A 47 11.85 -0.01 5.25
N VAL A 48 10.65 -0.54 5.24
CA VAL A 48 9.57 -0.22 6.18
C VAL A 48 9.60 -1.22 7.39
N ASP A 49 9.99 -0.72 8.56
CA ASP A 49 10.13 -1.52 9.75
C ASP A 49 8.77 -2.07 10.15
N GLU A 50 8.68 -3.37 10.40
CA GLU A 50 7.46 -3.99 10.90
C GLU A 50 6.97 -3.46 12.27
N GLU A 51 7.87 -3.06 13.18
CA GLU A 51 7.41 -2.63 14.50
C GLU A 51 6.79 -1.22 14.49
N ASN A 52 7.48 -0.22 13.96
CA ASN A 52 6.92 1.16 13.97
C ASN A 52 6.22 1.61 12.71
N VAL A 53 6.37 0.81 11.66
CA VAL A 53 5.88 1.22 10.35
C VAL A 53 6.57 2.48 9.80
N THR A 54 7.80 2.76 10.20
CA THR A 54 8.51 3.88 9.56
C THR A 54 9.65 3.40 8.67
N ILE A 55 10.17 4.34 7.87
CA ILE A 55 11.36 4.20 7.05
C ILE A 55 12.63 3.98 7.88
N ALA A 56 13.20 2.78 7.74
CA ALA A 56 14.33 2.29 8.54
C ALA A 56 15.52 1.87 7.67
N PRO A 57 16.72 1.95 8.17
CA PRO A 57 17.83 1.44 7.40
C PRO A 57 17.82 -0.06 7.26
N TRP A 58 18.22 -0.54 6.09
CA TRP A 58 18.43 -1.93 5.88
C TRP A 58 19.84 -2.06 5.36
N LEU A 59 20.02 -1.99 4.06
CA LEU A 59 21.33 -2.09 3.44
C LEU A 59 22.16 -0.92 3.72
N ALA A 60 21.50 0.19 3.95
CA ALA A 60 22.17 1.43 4.35
C ALA A 60 22.02 1.56 5.86
N GLU A 61 23.06 2.10 6.50
CA GLU A 61 23.06 2.41 7.95
C GLU A 61 22.27 3.66 8.30
N SER A 62 22.36 4.67 7.43
CA SER A 62 21.88 6.04 7.72
C SER A 62 21.91 6.99 6.52
N TRP A 63 21.33 8.15 6.67
CA TRP A 63 21.32 9.12 5.60
C TRP A 63 21.27 10.53 6.15
N ASP A 64 21.54 11.57 5.36
CA ASP A 64 21.24 12.97 5.81
C ASP A 64 20.99 13.90 4.64
N SER A 65 20.24 14.97 4.87
CA SER A 65 20.12 16.04 3.90
C SER A 65 19.79 17.31 4.63
N THR A 66 20.70 18.27 4.62
CA THR A 66 20.40 19.59 5.15
C THR A 66 19.13 20.09 4.39
N ASP A 67 19.19 20.05 3.05
CA ASP A 67 18.30 20.76 2.14
C ASP A 67 17.38 19.88 1.28
N GLY A 68 17.46 18.54 1.39
CA GLY A 68 16.61 17.65 0.59
C GLY A 68 17.06 17.45 -0.85
N GLN A 69 18.15 18.08 -1.23
CA GLN A 69 18.67 17.91 -2.58
C GLN A 69 20.01 17.19 -2.55
N HIS A 70 20.85 17.55 -1.61
CA HIS A 70 22.12 16.87 -1.44
C HIS A 70 21.98 15.90 -0.30
N TRP A 71 21.99 14.63 -0.68
CA TRP A 71 21.72 13.53 0.20
C TRP A 71 22.99 12.78 0.41
N THR A 72 23.18 12.26 1.61
CA THR A 72 24.36 11.48 1.91
C THR A 72 23.95 10.17 2.50
N ILE A 73 24.44 9.08 1.92
CA ILE A 73 24.10 7.79 2.41
C ILE A 73 25.36 7.03 2.76
N LYS A 74 25.56 6.80 4.06
CA LYS A 74 26.50 5.75 4.59
C LYS A 74 25.90 4.32 4.58
N LEU A 75 26.65 3.38 4.00
CA LEU A 75 26.23 1.99 3.91
C LEU A 75 26.94 1.11 4.93
N ARG A 76 26.40 -0.09 5.15
CA ARG A 76 26.97 -0.99 6.11
C ARG A 76 28.28 -1.47 5.55
N GLU A 77 29.23 -1.75 6.44
CA GLU A 77 30.51 -2.25 5.98
C GLU A 77 30.56 -3.77 5.96
N ASP A 78 29.51 -4.42 6.40
CA ASP A 78 29.60 -5.86 6.49
C ASP A 78 28.75 -6.62 5.47
N VAL A 79 28.34 -6.05 4.35
CA VAL A 79 27.42 -6.84 3.53
C VAL A 79 28.18 -7.41 2.36
N THR A 80 27.82 -8.62 1.95
CA THR A 80 28.35 -9.23 0.74
C THR A 80 27.22 -9.79 -0.10
N PHE A 81 27.39 -9.72 -1.42
CA PHE A 81 26.50 -10.42 -2.35
C PHE A 81 26.63 -11.93 -2.23
N GLN A 82 25.59 -12.63 -2.66
CA GLN A 82 25.54 -14.06 -2.69
C GLN A 82 26.75 -14.67 -3.38
N ASN A 83 27.33 -13.94 -4.31
CA ASN A 83 28.48 -14.49 -5.01
C ASN A 83 29.75 -14.22 -4.23
N GLY A 84 29.67 -13.50 -3.12
CA GLY A 84 30.85 -13.25 -2.28
C GLY A 84 31.43 -11.85 -2.37
N LYS A 85 31.26 -11.15 -3.49
CA LYS A 85 31.88 -9.83 -3.69
C LYS A 85 31.40 -8.84 -2.60
N GLU A 86 32.28 -7.91 -2.21
CA GLU A 86 31.94 -6.90 -1.19
C GLU A 86 30.86 -5.96 -1.74
N MET A 87 29.96 -5.46 -0.89
CA MET A 87 29.01 -4.42 -1.29
C MET A 87 29.41 -3.02 -0.82
N ASP A 88 29.99 -2.25 -1.70
CA ASP A 88 30.53 -0.96 -1.38
C ASP A 88 29.85 0.07 -2.22
N ALA A 89 30.20 1.32 -2.04
CA ALA A 89 29.43 2.34 -2.65
C ALA A 89 29.47 2.12 -4.12
N GLU A 90 30.60 1.73 -4.64
CA GLU A 90 30.73 1.58 -6.06
C GLU A 90 29.79 0.54 -6.58
N ALA A 91 29.65 -0.53 -5.86
CA ALA A 91 28.72 -1.54 -6.27
C ALA A 91 27.32 -1.02 -6.27
N VAL A 92 27.00 -0.21 -5.30
CA VAL A 92 25.69 0.32 -5.11
C VAL A 92 25.40 1.39 -6.12
N LYS A 93 26.45 2.08 -6.52
CA LYS A 93 26.34 3.06 -7.60
C LYS A 93 25.94 2.33 -8.87
N ALA A 94 26.74 1.36 -9.25
CA ALA A 94 26.46 0.56 -10.43
C ALA A 94 25.01 0.14 -10.50
N SER A 95 24.50 -0.38 -9.37
CA SER A 95 23.20 -1.00 -9.33
C SER A 95 22.12 0.06 -9.46
N LEU A 96 22.30 1.15 -8.74
CA LEU A 96 21.38 2.24 -8.91
C LEU A 96 21.36 2.64 -10.36
N GLU A 97 22.54 2.82 -10.93
CA GLU A 97 22.65 3.24 -12.35
C GLU A 97 22.06 2.29 -13.35
N ARG A 98 22.42 1.03 -13.24
CA ARG A 98 21.87 0.03 -14.10
C ARG A 98 20.38 0.14 -13.98
N ALA A 99 19.89 0.60 -12.83
CA ALA A 99 18.44 0.61 -12.64
C ALA A 99 17.79 1.82 -13.30
N LEU A 100 18.49 2.96 -13.27
CA LEU A 100 17.95 4.14 -13.92
C LEU A 100 18.00 4.00 -15.45
N ASP A 101 18.96 3.26 -16.00
CA ASP A 101 19.08 3.21 -17.46
C ASP A 101 18.25 2.12 -18.02
N GLU A 102 17.55 1.39 -17.15
CA GLU A 102 16.77 0.23 -17.57
C GLU A 102 15.25 0.39 -17.37
N SER A 103 14.83 1.25 -16.43
CA SER A 103 13.41 1.48 -16.23
C SER A 103 13.07 2.95 -16.17
N VAL A 104 12.18 3.35 -17.05
CA VAL A 104 11.86 4.76 -17.10
C VAL A 104 11.15 5.17 -15.81
N ALA A 105 10.28 4.28 -15.31
CA ALA A 105 9.58 4.49 -14.04
C ALA A 105 10.55 4.80 -12.89
N ILE A 106 11.58 3.98 -12.75
CA ILE A 106 12.59 4.23 -11.76
C ILE A 106 13.30 5.54 -12.04
N GLU A 107 13.60 5.82 -13.31
CA GLU A 107 14.34 7.04 -13.64
C GLU A 107 13.55 8.26 -13.23
N ASN A 108 12.26 8.24 -13.55
CA ASN A 108 11.43 9.41 -13.36
C ASN A 108 10.98 9.62 -11.95
N ALA A 109 11.17 8.61 -11.10
CA ALA A 109 10.67 8.61 -9.72
C ALA A 109 11.78 8.95 -8.74
N LEU A 110 13.00 8.53 -9.07
CA LEU A 110 14.07 8.74 -8.14
C LEU A 110 14.60 10.14 -8.25
N LYS A 111 14.46 10.74 -9.43
CA LYS A 111 14.97 12.09 -9.73
C LYS A 111 16.47 12.28 -9.44
N ILE A 112 17.30 11.36 -9.85
CA ILE A 112 18.70 11.52 -9.54
C ILE A 112 19.55 12.23 -10.57
N ASP A 113 20.05 13.40 -10.26
CA ASP A 113 21.03 14.04 -11.10
C ASP A 113 22.40 13.41 -11.16
N GLU A 114 22.96 13.05 -10.03
CA GLU A 114 24.31 12.58 -9.98
C GLU A 114 24.51 11.67 -8.83
N ILE A 115 25.52 10.84 -8.89
CA ILE A 115 25.80 9.98 -7.74
C ILE A 115 27.30 9.84 -7.65
N GLU A 116 27.94 10.48 -6.68
CA GLU A 116 29.38 10.30 -6.50
C GLU A 116 29.61 9.22 -5.41
N ALA A 117 30.66 8.39 -5.55
CA ALA A 117 30.95 7.32 -4.59
C ALA A 117 32.35 7.42 -3.89
N ASP A 118 32.39 7.04 -2.60
CA ASP A 118 33.67 6.88 -1.86
C ASP A 118 33.55 5.84 -0.74
N GLY A 119 34.32 4.77 -0.85
CA GLY A 119 34.38 3.77 0.21
C GLY A 119 33.01 3.18 0.44
N TYR A 120 32.34 3.67 1.48
CA TYR A 120 31.00 3.23 1.79
C TYR A 120 29.98 4.36 1.89
N THR A 121 30.44 5.60 1.82
CA THR A 121 29.53 6.72 1.78
C THR A 121 29.24 6.99 0.29
N LEU A 122 28.04 7.51 0.03
CA LEU A 122 27.55 7.96 -1.28
C LEU A 122 27.06 9.41 -1.23
N HIS A 123 27.16 10.13 -2.34
CA HIS A 123 26.66 11.50 -2.43
C HIS A 123 25.70 11.59 -3.59
N ILE A 124 24.43 11.89 -3.32
CA ILE A 124 23.46 11.80 -4.39
C ILE A 124 22.84 13.16 -4.49
N THR A 125 22.64 13.62 -5.72
CA THR A 125 22.08 14.95 -5.91
C THR A 125 20.92 14.69 -6.75
N THR A 126 19.75 15.11 -6.28
CA THR A 126 18.51 14.95 -7.01
C THR A 126 18.38 16.15 -7.95
N LYS A 127 17.56 16.03 -8.99
CA LYS A 127 17.48 17.11 -9.98
C LYS A 127 17.19 18.49 -9.36
N GLU A 128 16.35 18.35 -8.33
CA GLU A 128 15.71 19.39 -7.55
C GLU A 128 15.45 18.86 -6.13
N PRO A 129 15.25 19.77 -5.17
CA PRO A 129 14.95 19.34 -3.82
C PRO A 129 13.81 18.31 -3.82
N PHE A 130 14.11 17.14 -3.28
CA PHE A 130 13.21 16.01 -3.25
C PHE A 130 13.12 15.51 -1.80
N PRO A 131 12.26 16.13 -1.01
CA PRO A 131 12.20 15.80 0.40
C PRO A 131 11.84 14.37 0.58
N GLU A 132 11.09 13.81 -0.35
CA GLU A 132 10.65 12.46 -0.11
C GLU A 132 11.53 11.48 -0.82
N PHE A 133 12.75 11.92 -1.16
CA PHE A 133 13.70 11.07 -1.90
C PHE A 133 13.98 9.70 -1.23
N ILE A 134 14.34 9.66 0.06
CA ILE A 134 14.71 8.39 0.70
C ILE A 134 13.63 7.34 0.60
N SER A 135 12.40 7.73 0.87
CA SER A 135 11.32 6.76 0.86
C SER A 135 11.18 6.03 -0.48
N GLU A 136 11.74 6.62 -1.55
CA GLU A 136 11.70 5.99 -2.85
C GLU A 136 12.62 4.82 -2.91
N LEU A 137 13.63 4.77 -2.03
CA LEU A 137 14.59 3.68 -2.08
C LEU A 137 14.04 2.38 -1.48
N VAL A 138 12.88 2.47 -0.88
CA VAL A 138 12.21 1.30 -0.35
C VAL A 138 11.68 0.40 -1.50
N ASN A 139 11.40 0.99 -2.66
CA ASN A 139 10.78 0.30 -3.76
C ASN A 139 11.59 -0.90 -4.09
N PRO A 140 10.97 -2.07 -4.04
CA PRO A 140 11.62 -3.28 -4.37
C PRO A 140 12.33 -3.22 -5.69
N ASN A 141 11.91 -2.28 -6.54
CA ASN A 141 12.55 -2.00 -7.83
C ASN A 141 13.96 -1.63 -7.79
N VAL A 142 14.37 -1.08 -6.66
CA VAL A 142 15.62 -0.47 -6.61
C VAL A 142 16.42 -1.34 -5.71
N SER A 143 16.06 -2.60 -5.68
CA SER A 143 16.81 -3.50 -4.87
C SER A 143 18.18 -3.59 -5.46
N ILE A 144 19.17 -3.75 -4.60
CA ILE A 144 20.58 -3.76 -4.98
C ILE A 144 21.05 -5.15 -5.43
N ILE A 145 21.54 -5.24 -6.68
CA ILE A 145 22.07 -6.49 -7.25
C ILE A 145 23.54 -6.27 -7.69
N ASP A 146 24.30 -7.36 -7.85
CA ASP A 146 25.63 -7.26 -8.48
C ASP A 146 25.52 -7.22 -9.98
N VAL A 147 25.88 -6.06 -10.52
CA VAL A 147 25.82 -5.81 -11.95
C VAL A 147 26.96 -6.50 -12.78
N THR A 148 28.01 -6.97 -12.10
CA THR A 148 29.10 -7.70 -12.73
C THR A 148 28.63 -9.12 -13.00
N GLU A 149 27.32 -9.31 -12.97
CA GLU A 149 26.76 -10.61 -13.19
C GLU A 149 25.61 -10.47 -14.16
N GLU A 150 25.86 -10.88 -15.40
CA GLU A 150 25.02 -10.61 -16.56
C GLU A 150 23.60 -11.11 -16.74
N ASP A 151 23.26 -12.31 -16.31
CA ASP A 151 21.94 -12.88 -16.59
C ASP A 151 20.86 -12.45 -15.64
N PHE A 152 20.38 -11.24 -15.83
CA PHE A 152 19.39 -10.62 -14.99
C PHE A 152 17.99 -11.22 -15.07
N THR A 153 17.57 -11.63 -16.25
CA THR A 153 16.27 -12.25 -16.36
C THR A 153 16.17 -13.50 -15.51
N ASN A 154 17.25 -14.27 -15.46
CA ASN A 154 17.15 -15.61 -14.90
C ASN A 154 18.04 -15.87 -13.71
N HIS A 155 18.86 -14.89 -13.35
CA HIS A 155 19.87 -15.12 -12.33
C HIS A 155 20.39 -13.83 -11.70
N PRO A 156 19.55 -13.18 -10.89
CA PRO A 156 19.95 -11.99 -10.14
C PRO A 156 20.84 -12.28 -8.90
N VAL A 157 21.94 -11.56 -8.75
CA VAL A 157 22.77 -11.85 -7.59
C VAL A 157 22.72 -10.71 -6.63
N GLY A 158 22.00 -10.91 -5.56
CA GLY A 158 21.74 -9.85 -4.59
C GLY A 158 22.24 -10.20 -3.23
N THR A 159 21.73 -9.51 -2.23
CA THR A 159 22.23 -9.67 -0.89
C THR A 159 21.27 -10.46 0.01
N GLY A 160 20.21 -10.99 -0.57
CA GLY A 160 19.25 -11.75 0.24
C GLY A 160 19.83 -13.00 0.90
N PRO A 161 19.15 -13.46 1.94
CA PRO A 161 19.35 -14.74 2.57
C PRO A 161 19.09 -15.94 1.62
N PHE A 162 18.56 -15.74 0.42
CA PHE A 162 18.42 -16.93 -0.47
C PHE A 162 19.00 -16.66 -1.80
N ALA A 163 19.90 -17.52 -2.21
CA ALA A 163 20.39 -17.35 -3.54
C ALA A 163 19.56 -18.21 -4.50
N LEU A 164 19.58 -17.81 -5.77
CA LEU A 164 18.79 -18.42 -6.79
C LEU A 164 19.48 -19.68 -7.28
N GLU A 165 18.76 -20.79 -7.31
CA GLU A 165 19.35 -22.05 -7.75
C GLU A 165 18.99 -22.29 -9.21
N SER A 166 17.72 -22.04 -9.55
CA SER A 166 17.08 -22.47 -10.80
C SER A 166 15.87 -21.61 -11.06
N PHE A 167 15.50 -21.47 -12.32
CA PHE A 167 14.32 -20.70 -12.67
C PHE A 167 13.56 -21.20 -13.91
N THR A 168 12.25 -21.28 -13.73
CA THR A 168 11.31 -21.71 -14.73
C THR A 168 10.27 -20.60 -14.87
N PRO A 169 10.45 -19.72 -15.88
CA PRO A 169 9.47 -18.66 -16.18
C PRO A 169 8.01 -19.12 -16.18
N GLY A 170 7.16 -18.41 -15.47
CA GLY A 170 5.79 -18.70 -15.53
C GLY A 170 5.49 -19.79 -14.57
N SER A 171 6.52 -20.34 -13.93
CA SER A 171 6.24 -21.41 -12.97
C SER A 171 6.74 -21.32 -11.50
N LYS A 172 8.03 -21.52 -11.26
CA LYS A 172 8.63 -21.56 -9.92
C LYS A 172 10.01 -20.96 -10.02
N LEU A 173 10.63 -20.76 -8.85
CA LEU A 173 12.05 -20.55 -8.79
C LEU A 173 12.55 -21.32 -7.59
N GLU A 174 13.84 -21.62 -7.58
CA GLU A 174 14.40 -22.47 -6.55
C GLU A 174 15.52 -21.72 -5.82
N LEU A 175 15.55 -21.89 -4.50
CA LEU A 175 16.44 -21.09 -3.70
C LEU A 175 17.10 -21.92 -2.66
N VAL A 176 18.36 -21.61 -2.44
CA VAL A 176 19.23 -22.36 -1.58
C VAL A 176 19.71 -21.34 -0.55
N ARG A 177 19.83 -21.74 0.71
CA ARG A 177 20.28 -20.85 1.79
C ARG A 177 21.62 -20.30 1.41
N TYR A 178 21.79 -18.99 1.65
CA TYR A 178 23.08 -18.36 1.43
C TYR A 178 23.81 -18.25 2.75
N ASP A 179 24.99 -18.86 2.82
CA ASP A 179 25.58 -19.19 4.13
C ASP A 179 26.12 -17.99 4.87
N GLU A 180 26.57 -16.96 4.14
CA GLU A 180 27.17 -15.74 4.74
C GLU A 180 26.31 -14.49 4.69
N TYR A 181 25.00 -14.69 4.68
CA TYR A 181 24.04 -13.60 4.61
C TYR A 181 24.37 -12.63 5.73
N TRP A 182 24.39 -11.33 5.44
CA TRP A 182 24.89 -10.33 6.40
C TRP A 182 24.10 -10.19 7.68
N ASP A 183 22.84 -10.62 7.68
CA ASP A 183 22.03 -10.45 8.88
C ASP A 183 21.68 -11.78 9.53
N GLY A 184 22.38 -12.83 9.16
CA GLY A 184 22.26 -14.07 9.90
C GLY A 184 21.49 -15.07 9.08
N ALA A 185 22.11 -16.21 8.87
CA ALA A 185 21.73 -17.13 7.87
C ALA A 185 20.47 -17.89 8.27
N SER A 186 19.61 -18.18 7.29
CA SER A 186 18.36 -18.88 7.49
C SER A 186 18.67 -20.18 8.15
N LYS A 187 17.73 -20.80 8.84
CA LYS A 187 17.97 -22.20 9.23
C LYS A 187 17.38 -23.15 8.20
N LEU A 188 16.73 -22.57 7.22
CA LEU A 188 16.09 -23.31 6.20
C LEU A 188 17.08 -23.87 5.25
N ASP A 189 16.97 -25.14 4.96
CA ASP A 189 17.81 -25.71 3.97
C ASP A 189 17.48 -25.17 2.56
N SER A 190 16.21 -25.02 2.21
CA SER A 190 15.81 -24.48 0.89
C SER A 190 14.37 -23.98 0.73
N VAL A 191 14.07 -23.19 -0.29
CA VAL A 191 12.68 -22.74 -0.55
C VAL A 191 12.32 -22.89 -2.00
N THR A 192 11.14 -23.46 -2.23
CA THR A 192 10.46 -23.36 -3.51
C THR A 192 9.45 -22.24 -3.45
N PHE A 193 9.63 -21.30 -4.37
CA PHE A 193 8.75 -20.13 -4.53
C PHE A 193 8.08 -20.27 -5.85
N SER A 194 6.79 -20.55 -5.87
CA SER A 194 6.13 -20.82 -7.13
C SER A 194 4.84 -20.06 -7.22
N PHE A 195 4.32 -19.95 -8.45
CA PHE A 195 3.17 -19.09 -8.75
C PHE A 195 1.98 -19.82 -9.33
N ASN A 196 0.81 -19.43 -8.89
CA ASN A 196 -0.41 -19.88 -9.50
C ASN A 196 -1.50 -18.83 -9.41
N GLU A 197 -1.94 -18.34 -10.56
CA GLU A 197 -2.91 -17.22 -10.62
C GLU A 197 -4.35 -17.57 -10.20
N ASP A 198 -4.65 -18.83 -9.92
CA ASP A 198 -6.00 -19.21 -9.52
C ASP A 198 -6.16 -19.41 -8.03
N ALA A 199 -7.05 -18.63 -7.44
CA ALA A 199 -7.21 -18.61 -6.01
C ALA A 199 -7.58 -19.93 -5.39
N SER A 200 -8.37 -20.73 -6.08
CA SER A 200 -8.81 -21.96 -5.44
C SER A 200 -7.81 -23.07 -5.70
N ALA A 201 -7.11 -23.01 -6.85
CA ALA A 201 -5.95 -23.86 -7.09
C ALA A 201 -5.02 -23.75 -5.89
N ARG A 202 -4.76 -22.51 -5.48
CA ARG A 202 -4.00 -22.23 -4.27
C ARG A 202 -4.53 -22.91 -3.02
N SER A 203 -5.84 -22.72 -2.75
CA SER A 203 -6.49 -23.32 -1.59
C SER A 203 -6.28 -24.85 -1.55
N LEU A 204 -6.49 -25.50 -2.70
CA LEU A 204 -6.30 -26.93 -2.84
C LEU A 204 -4.89 -27.38 -2.49
N ALA A 205 -3.91 -26.75 -3.16
CA ALA A 205 -2.49 -26.97 -2.95
C ALA A 205 -2.11 -26.98 -1.50
N LEU A 206 -2.63 -26.02 -0.76
CA LEU A 206 -2.41 -26.04 0.69
C LEU A 206 -3.09 -27.23 1.34
N GLU A 207 -4.33 -27.47 0.94
CA GLU A 207 -5.12 -28.53 1.57
C GLU A 207 -4.50 -29.87 1.26
N SER A 208 -4.28 -30.13 -0.03
CA SER A 208 -3.67 -31.37 -0.44
C SER A 208 -2.29 -31.53 0.21
N GLY A 209 -1.75 -30.45 0.79
CA GLY A 209 -0.42 -30.49 1.44
C GLY A 209 0.71 -30.45 0.43
N GLN A 210 0.38 -30.08 -0.82
CA GLN A 210 1.32 -29.79 -1.94
C GLN A 210 2.06 -28.43 -1.79
N ALA A 211 1.64 -27.63 -0.80
CA ALA A 211 2.21 -26.30 -0.49
C ALA A 211 2.20 -26.12 1.03
N ASP A 212 3.09 -25.27 1.56
CA ASP A 212 3.10 -25.03 3.00
C ASP A 212 2.48 -23.71 3.33
N ILE A 213 2.68 -22.74 2.45
CA ILE A 213 2.17 -21.39 2.61
C ILE A 213 1.51 -20.94 1.31
N VAL A 214 0.31 -20.40 1.40
CA VAL A 214 -0.36 -19.91 0.20
C VAL A 214 -0.73 -18.45 0.42
N TYR A 215 -0.46 -17.60 -0.56
CA TYR A 215 -0.85 -16.20 -0.46
C TYR A 215 -2.20 -15.92 -1.13
N ARG A 216 -3.12 -15.30 -0.40
CA ARG A 216 -4.44 -14.88 -0.91
C ARG A 216 -5.33 -16.05 -1.38
N PRO A 217 -5.57 -17.00 -0.48
CA PRO A 217 -6.43 -18.18 -0.75
C PRO A 217 -7.90 -17.83 -0.96
N GLU A 218 -8.67 -18.74 -1.58
CA GLU A 218 -10.04 -18.39 -1.97
C GLU A 218 -10.91 -18.04 -0.79
N VAL A 219 -11.67 -16.97 -1.01
CA VAL A 219 -12.55 -16.34 -0.01
C VAL A 219 -13.79 -17.18 0.41
N GLU A 220 -14.55 -17.76 -0.53
CA GLU A 220 -15.55 -18.80 -0.23
C GLU A 220 -14.95 -20.06 0.48
N SER A 221 -13.77 -20.50 0.07
CA SER A 221 -13.14 -21.64 0.72
C SER A 221 -12.54 -21.29 2.08
N ILE A 222 -12.13 -20.03 2.29
CA ILE A 222 -11.37 -19.63 3.49
C ILE A 222 -11.98 -20.25 4.73
N GLU A 223 -13.30 -20.37 4.71
CA GLU A 223 -14.08 -21.08 5.75
C GLU A 223 -13.70 -22.57 5.87
N THR A 224 -13.57 -23.26 4.76
CA THR A 224 -13.15 -24.63 4.86
C THR A 224 -11.77 -24.79 5.44
N LEU A 225 -10.80 -24.07 4.94
CA LEU A 225 -9.50 -24.37 5.44
C LEU A 225 -9.38 -24.00 6.85
N GLN A 226 -9.70 -22.76 7.11
CA GLN A 226 -9.56 -22.36 8.49
C GLN A 226 -9.79 -23.51 9.43
N ALA A 227 -10.98 -24.11 9.29
CA ALA A 227 -11.45 -25.27 10.07
C ALA A 227 -10.53 -26.52 10.10
N ASN A 228 -9.78 -26.78 9.03
CA ASN A 228 -8.79 -27.87 9.04
C ASN A 228 -7.92 -27.78 10.29
N GLU A 229 -7.88 -28.91 11.03
CA GLU A 229 -7.19 -29.04 12.32
C GLU A 229 -5.90 -28.18 12.43
N GLY A 230 -5.04 -28.27 11.40
CA GLY A 230 -3.70 -27.72 11.50
C GLY A 230 -3.31 -26.57 10.60
N ILE A 231 -4.30 -25.89 10.06
CA ILE A 231 -4.05 -24.79 9.16
C ILE A 231 -4.48 -23.48 9.81
N MET A 232 -3.56 -22.53 9.80
CA MET A 232 -3.75 -21.18 10.30
C MET A 232 -3.89 -20.21 9.11
N VAL A 233 -4.76 -19.22 9.25
CA VAL A 233 -4.76 -18.15 8.30
C VAL A 233 -4.51 -16.84 9.04
N GLU A 234 -3.48 -16.12 8.66
CA GLU A 234 -3.30 -14.81 9.22
C GLU A 234 -3.90 -13.82 8.24
N ALA A 235 -4.23 -12.61 8.72
CA ALA A 235 -4.52 -11.47 7.80
C ALA A 235 -3.92 -10.18 8.32
N THR A 236 -3.54 -9.28 7.43
CA THR A 236 -2.99 -8.03 7.87
C THR A 236 -3.51 -6.87 7.10
N GLU A 237 -3.55 -5.75 7.77
CA GLU A 237 -3.90 -4.48 7.23
C GLU A 237 -2.87 -4.07 6.18
N THR A 238 -3.31 -3.48 5.08
CA THR A 238 -2.48 -3.06 3.96
C THR A 238 -2.46 -1.54 3.90
N PHE A 239 -1.78 -0.91 2.97
CA PHE A 239 -1.77 0.56 3.02
C PHE A 239 -2.92 1.16 2.28
N ARG A 240 -3.62 0.34 1.49
CA ARG A 240 -4.75 0.87 0.71
C ARG A 240 -5.99 1.07 1.57
N THR A 241 -6.82 2.03 1.19
CA THR A 241 -7.98 2.34 1.99
C THR A 241 -9.11 2.53 1.02
N HIS A 242 -10.29 2.00 1.36
CA HIS A 242 -11.45 2.33 0.55
C HIS A 242 -12.15 3.53 1.10
N ASN A 243 -12.69 4.35 0.21
CA ASN A 243 -13.48 5.47 0.67
C ASN A 243 -14.56 5.86 -0.29
N LEU A 244 -15.49 6.65 0.21
CA LEU A 244 -16.32 7.51 -0.65
C LEU A 244 -15.58 8.82 -0.89
N THR A 245 -14.97 8.96 -2.05
CA THR A 245 -14.43 10.26 -2.44
C THR A 245 -15.57 11.21 -2.88
N MET A 246 -15.62 12.40 -2.25
CA MET A 246 -16.66 13.42 -2.50
C MET A 246 -16.32 14.45 -3.57
N ASN A 247 -17.33 15.11 -4.11
CA ASN A 247 -17.15 16.18 -5.11
C ASN A 247 -17.64 17.53 -4.57
N LEU A 248 -16.72 18.33 -4.02
CA LEU A 248 -17.05 19.59 -3.40
C LEU A 248 -17.45 20.76 -4.34
N ASP A 249 -17.35 20.52 -5.65
CA ASP A 249 -17.93 21.42 -6.65
C ASP A 249 -19.48 21.36 -6.65
N ARG A 250 -20.04 20.46 -5.84
CA ARG A 250 -21.47 20.28 -5.74
C ARG A 250 -21.96 21.01 -4.50
N ASP A 251 -23.10 21.70 -4.63
CA ASP A 251 -23.54 22.56 -3.52
C ASP A 251 -23.89 21.75 -2.30
N SER A 252 -24.72 20.70 -2.48
CA SER A 252 -25.04 19.72 -1.43
C SER A 252 -23.87 19.50 -0.49
N LEU A 253 -22.71 19.17 -1.07
CA LEU A 253 -21.54 18.74 -0.32
C LEU A 253 -20.65 19.86 0.18
N LYS A 254 -20.85 21.07 -0.32
CA LYS A 254 -20.13 22.22 0.21
C LYS A 254 -20.41 22.38 1.69
N ASP A 255 -21.39 21.66 2.20
CA ASP A 255 -21.68 21.80 3.64
C ASP A 255 -20.94 20.75 4.43
N VAL A 256 -20.34 21.19 5.54
CA VAL A 256 -19.60 20.30 6.45
C VAL A 256 -20.51 19.20 6.99
N ASN A 257 -21.72 19.58 7.41
CA ASN A 257 -22.62 18.62 7.98
C ASN A 257 -23.23 17.68 6.95
N VAL A 258 -23.34 18.14 5.71
CA VAL A 258 -23.79 17.21 4.67
C VAL A 258 -22.74 16.09 4.48
N ARG A 259 -21.47 16.49 4.56
CA ARG A 259 -20.38 15.54 4.50
C ARG A 259 -20.38 14.59 5.70
N ARG A 260 -20.30 15.18 6.90
CA ARG A 260 -20.43 14.44 8.15
C ARG A 260 -21.47 13.35 8.10
N ALA A 261 -22.53 13.63 7.36
CA ALA A 261 -23.70 12.77 7.33
C ALA A 261 -23.43 11.54 6.43
N VAL A 262 -23.01 11.81 5.18
CA VAL A 262 -22.56 10.78 4.24
C VAL A 262 -21.55 9.92 4.98
N ASP A 263 -20.67 10.56 5.73
CA ASP A 263 -19.70 9.82 6.49
C ASP A 263 -20.31 8.80 7.45
N VAL A 264 -21.58 8.96 7.81
CA VAL A 264 -22.21 8.01 8.76
C VAL A 264 -23.19 7.02 8.10
N LEU A 265 -23.67 7.34 6.90
CA LEU A 265 -24.73 6.54 6.28
C LEU A 265 -24.35 5.04 6.13
N LEU A 266 -23.06 4.72 5.92
CA LEU A 266 -22.58 3.31 5.84
C LEU A 266 -22.07 2.75 7.17
N ASP A 267 -22.46 1.52 7.49
CA ASP A 267 -22.04 0.86 8.74
C ASP A 267 -20.78 0.05 8.47
N ARG A 268 -19.64 0.64 8.78
CA ARG A 268 -18.35 0.10 8.34
C ARG A 268 -18.12 -1.36 8.75
N GLN A 269 -18.48 -1.74 9.96
CA GLN A 269 -18.33 -3.14 10.34
C GLN A 269 -19.09 -4.10 9.40
N GLU A 270 -20.29 -3.72 8.98
CA GLU A 270 -21.08 -4.59 8.10
C GLU A 270 -20.40 -4.74 6.77
N ILE A 271 -19.63 -3.76 6.34
CA ILE A 271 -18.84 -3.91 5.12
C ILE A 271 -17.74 -4.92 5.39
N VAL A 272 -17.19 -4.90 6.59
CA VAL A 272 -16.12 -5.84 6.91
C VAL A 272 -16.69 -7.25 6.82
N ASP A 273 -17.94 -7.41 7.23
CA ASP A 273 -18.50 -8.75 7.35
C ASP A 273 -19.39 -9.19 6.22
N THR A 274 -20.44 -8.43 5.90
CA THR A 274 -21.34 -8.81 4.82
C THR A 274 -20.68 -8.78 3.44
N ILE A 275 -19.57 -8.08 3.29
CA ILE A 275 -19.02 -7.97 1.94
C ILE A 275 -17.60 -8.47 1.84
N MET A 276 -16.74 -7.98 2.72
CA MET A 276 -15.33 -8.34 2.72
C MET A 276 -15.11 -9.75 3.31
N LEU A 277 -16.15 -10.19 4.00
CA LEU A 277 -16.25 -11.54 4.54
C LEU A 277 -15.43 -11.69 5.82
N GLY A 278 -14.83 -10.57 6.25
CA GLY A 278 -13.92 -10.56 7.38
C GLY A 278 -12.51 -10.32 6.88
N TYR A 279 -12.27 -10.49 5.56
CA TYR A 279 -10.96 -10.20 4.92
C TYR A 279 -10.62 -8.65 4.81
N ALA A 280 -10.80 -7.94 5.91
CA ALA A 280 -10.59 -6.50 5.94
C ALA A 280 -10.78 -5.92 7.36
N GLU A 281 -10.46 -4.61 7.54
CA GLU A 281 -10.56 -3.86 8.84
C GLU A 281 -11.21 -2.48 8.67
N VAL A 282 -11.93 -2.03 9.69
CA VAL A 282 -12.53 -0.70 9.72
C VAL A 282 -11.45 0.37 9.50
N ALA A 283 -11.70 1.35 8.63
CA ALA A 283 -10.82 2.51 8.56
C ALA A 283 -11.48 3.62 9.34
N ASP A 284 -10.74 4.22 10.28
CA ASP A 284 -11.15 5.45 10.96
C ASP A 284 -10.57 6.65 10.19
N GLY A 285 -9.95 6.38 9.03
CA GLY A 285 -9.26 7.42 8.29
C GLY A 285 -8.41 6.93 7.12
N PRO A 286 -7.69 7.85 6.44
CA PRO A 286 -6.95 7.44 5.29
C PRO A 286 -5.78 6.56 5.69
N PHE A 287 -5.25 6.74 6.90
CA PHE A 287 -4.02 6.07 7.34
C PHE A 287 -4.24 5.04 8.40
N ILE A 288 -3.55 3.92 8.28
CA ILE A 288 -3.72 2.83 9.22
C ILE A 288 -3.21 3.18 10.61
N PRO A 289 -3.88 2.66 11.62
CA PRO A 289 -3.54 3.15 12.92
C PRO A 289 -2.04 3.03 13.27
N THR A 290 -1.37 1.97 12.84
CA THR A 290 -0.02 1.67 13.30
C THR A 290 1.06 2.63 12.78
N LEU A 291 0.68 3.48 11.83
CA LEU A 291 1.57 4.44 11.21
C LEU A 291 1.92 5.47 12.24
N PRO A 292 3.14 6.03 12.15
CA PRO A 292 3.59 6.98 13.16
C PRO A 292 2.80 8.31 13.08
N PHE A 293 2.17 8.60 11.94
CA PHE A 293 1.44 9.86 11.75
C PHE A 293 -0.05 9.74 11.65
N ALA A 294 -0.63 8.76 12.32
CA ALA A 294 -2.06 8.58 12.31
C ALA A 294 -2.61 9.14 13.60
N PRO A 295 -3.73 9.87 13.51
CA PRO A 295 -4.38 10.52 14.64
C PRO A 295 -5.06 9.48 15.48
N SER A 296 -5.21 9.75 16.76
CA SER A 296 -6.22 9.03 17.52
C SER A 296 -7.57 9.66 17.11
N TYR A 297 -8.61 8.85 16.95
CA TYR A 297 -9.88 9.46 16.59
C TYR A 297 -10.92 9.19 17.69
N GLU A 298 -11.80 10.19 17.99
CA GLU A 298 -12.89 9.98 18.96
C GLU A 298 -13.72 8.81 18.46
N LYS A 299 -14.16 7.92 19.33
CA LYS A 299 -14.83 6.71 18.81
C LYS A 299 -16.30 7.06 18.47
N LYS A 300 -16.75 6.89 17.22
CA LYS A 300 -18.03 7.52 16.89
C LYS A 300 -19.13 6.49 16.58
N GLU A 301 -20.38 6.80 16.98
CA GLU A 301 -21.57 6.02 16.57
C GLU A 301 -21.95 6.54 15.20
N THR A 302 -22.46 5.68 14.34
CA THR A 302 -22.70 6.03 12.93
C THR A 302 -23.70 5.08 12.23
N GLY A 303 -24.97 5.50 12.14
CA GLY A 303 -26.00 4.77 11.37
C GLY A 303 -27.00 5.62 10.58
N THR A 304 -28.18 5.04 10.27
CA THR A 304 -29.28 5.81 9.60
C THR A 304 -29.82 6.94 10.53
N ASP A 305 -29.90 6.68 11.84
CA ASP A 305 -30.31 7.70 12.81
C ASP A 305 -29.40 8.94 12.79
N ILE A 306 -28.11 8.70 12.91
CA ILE A 306 -27.12 9.77 13.09
C ILE A 306 -26.95 10.64 11.85
N ALA A 307 -27.15 10.01 10.70
CA ALA A 307 -27.29 10.72 9.46
C ALA A 307 -28.34 11.88 9.53
N ILE A 308 -29.52 11.57 10.08
CA ILE A 308 -30.63 12.52 10.07
C ILE A 308 -30.18 13.76 10.85
N GLN A 309 -29.62 13.54 12.04
CA GLN A 309 -29.15 14.64 12.90
C GLN A 309 -28.15 15.59 12.22
N TYR A 310 -27.11 15.06 11.58
CA TYR A 310 -26.24 15.98 10.83
C TYR A 310 -27.04 16.64 9.71
N LEU A 311 -27.68 15.87 8.81
CA LEU A 311 -28.46 16.48 7.71
C LEU A 311 -29.46 17.54 8.28
N GLU A 312 -29.95 17.32 9.49
CA GLU A 312 -30.75 18.34 10.13
C GLU A 312 -29.95 19.60 10.44
N GLU A 313 -28.78 19.46 11.03
CA GLU A 313 -28.02 20.64 11.43
C GLU A 313 -27.68 21.44 10.23
N ALA A 314 -27.38 20.76 9.15
CA ALA A 314 -27.08 21.37 7.88
C ALA A 314 -28.26 22.15 7.35
N GLY A 315 -29.46 21.64 7.56
CA GLY A 315 -30.64 22.38 7.17
C GLY A 315 -31.54 21.57 6.29
N TYR A 316 -31.65 20.30 6.61
CA TYR A 316 -32.45 19.39 5.79
C TYR A 316 -33.39 18.60 6.66
N THR A 317 -34.67 18.63 6.32
CA THR A 317 -35.65 17.79 7.00
C THR A 317 -36.37 16.93 5.98
N LEU A 318 -36.93 15.80 6.40
CA LEU A 318 -37.68 14.92 5.49
C LEU A 318 -39.17 15.29 5.43
N GLU A 319 -39.66 15.76 4.28
CA GLU A 319 -41.08 16.16 4.14
C GLU A 319 -41.94 15.33 3.18
N ASN A 320 -42.89 14.59 3.77
CA ASN A 320 -43.80 13.66 3.08
C ASN A 320 -43.04 12.58 2.29
N GLN A 322 -39.00 12.35 1.41
CA GLN A 322 -38.00 13.14 0.63
C GLN A 322 -37.28 14.23 1.45
N MET A 323 -35.98 14.01 1.71
CA MET A 323 -35.11 15.00 2.40
C MET A 323 -34.96 16.22 1.51
N GLN A 324 -34.99 17.42 2.10
CA GLN A 324 -34.91 18.63 1.30
C GLN A 324 -34.57 19.84 2.17
N LYS A 325 -34.03 20.87 1.55
CA LYS A 325 -33.81 22.12 2.23
C LYS A 325 -34.55 23.10 1.34
N ASP A 326 -35.42 23.91 1.93
CA ASP A 326 -36.21 24.80 1.13
C ASP A 326 -36.97 23.93 0.17
N GLY A 327 -36.97 24.31 -1.09
CA GLY A 327 -37.72 23.62 -2.13
C GLY A 327 -37.14 22.51 -2.96
N GLU A 328 -35.88 22.14 -2.76
CA GLU A 328 -35.26 21.19 -3.65
C GLU A 328 -34.81 19.88 -3.03
N PRO A 329 -35.19 18.77 -3.65
CA PRO A 329 -34.83 17.44 -3.15
C PRO A 329 -33.32 17.22 -2.85
N LEU A 330 -33.00 16.57 -1.73
CA LEU A 330 -31.63 16.05 -1.50
C LEU A 330 -31.35 14.67 -2.15
N HIS A 331 -30.36 14.65 -3.04
CA HIS A 331 -29.99 13.43 -3.73
C HIS A 331 -28.52 13.44 -4.13
N PHE A 332 -27.98 12.25 -4.43
CA PHE A 332 -26.60 12.15 -4.89
C PHE A 332 -26.54 11.15 -6.03
N THR A 333 -25.69 11.44 -7.01
CA THR A 333 -25.31 10.45 -7.98
C THR A 333 -23.90 9.90 -7.57
N VAL A 334 -23.89 8.67 -7.01
CA VAL A 334 -22.70 7.93 -6.54
C VAL A 334 -22.15 7.01 -7.63
N LEU A 335 -21.05 7.39 -8.28
CA LEU A 335 -20.40 6.50 -9.23
C LEU A 335 -19.78 5.32 -8.52
N THR A 336 -19.49 4.29 -9.30
CA THR A 336 -18.77 3.11 -8.85
C THR A 336 -18.19 2.45 -10.11
N TYR A 337 -17.40 1.39 -9.95
CA TYR A 337 -16.79 0.69 -11.11
C TYR A 337 -16.42 -0.80 -10.92
N GLY A 338 -15.98 -1.42 -12.01
CA GLY A 338 -15.81 -2.88 -12.06
C GLY A 338 -14.56 -3.47 -11.41
N SER A 339 -13.39 -2.88 -11.75
CA SER A 339 -12.07 -3.38 -11.36
C SER A 339 -11.98 -4.05 -9.96
N ARG A 340 -12.76 -3.53 -9.00
CA ARG A 340 -12.79 -4.04 -7.61
C ARG A 340 -14.21 -4.39 -7.20
N ALA A 341 -14.52 -5.68 -7.14
CA ALA A 341 -15.92 -6.13 -7.12
C ALA A 341 -16.71 -5.84 -5.83
N GLU A 342 -16.00 -5.51 -4.74
CA GLU A 342 -16.68 -5.10 -3.49
C GLU A 342 -17.15 -3.65 -3.50
N LEU A 343 -16.59 -2.82 -4.39
CA LEU A 343 -16.95 -1.41 -4.43
C LEU A 343 -18.42 -1.16 -4.82
N PRO A 344 -18.87 -1.70 -5.99
CA PRO A 344 -20.28 -1.70 -6.40
C PRO A 344 -21.23 -2.23 -5.34
N LEU A 345 -20.77 -3.12 -4.49
CA LEU A 345 -21.59 -3.56 -3.38
C LEU A 345 -21.72 -2.50 -2.30
N ILE A 346 -20.67 -1.69 -2.10
CA ILE A 346 -20.73 -0.60 -1.10
C ILE A 346 -21.70 0.44 -1.67
N ALA A 347 -21.52 0.74 -2.96
CA ALA A 347 -22.47 1.57 -3.71
C ALA A 347 -23.93 1.17 -3.43
N GLN A 348 -24.29 -0.09 -3.73
CA GLN A 348 -25.67 -0.56 -3.56
C GLN A 348 -26.10 -0.49 -2.11
N VAL A 349 -25.20 -0.74 -1.18
CA VAL A 349 -25.59 -0.59 0.24
C VAL A 349 -25.81 0.87 0.62
N PHE A 350 -25.05 1.77 -0.01
CA PHE A 350 -25.15 3.17 0.33
C PHE A 350 -26.53 3.67 -0.07
N GLN A 351 -26.91 3.41 -1.32
CA GLN A 351 -28.25 3.75 -1.83
C GLN A 351 -29.40 3.06 -1.07
N SER A 352 -29.15 1.91 -0.46
CA SER A 352 -30.19 1.31 0.32
C SER A 352 -30.36 2.11 1.63
N ASN A 353 -29.28 2.68 2.14
CA ASN A 353 -29.38 3.43 3.40
C ASN A 353 -29.86 4.85 3.10
N ALA A 354 -29.40 5.39 1.99
CA ALA A 354 -29.82 6.72 1.60
C ALA A 354 -31.35 6.77 1.65
N LYS A 355 -32.00 5.92 0.83
CA LYS A 355 -33.46 5.86 0.76
C LYS A 355 -34.16 5.67 2.11
N GLN A 356 -33.68 4.78 2.99
CA GLN A 356 -34.32 4.73 4.34
C GLN A 356 -34.46 6.14 4.91
N ILE A 357 -33.56 7.04 4.54
CA ILE A 357 -33.49 8.38 5.19
C ILE A 357 -33.95 9.55 4.30
N GLY A 358 -34.45 9.27 3.10
CA GLY A 358 -35.15 10.30 2.34
C GLY A 358 -34.49 10.61 1.01
N ILE A 359 -33.38 9.93 0.73
CA ILE A 359 -32.51 10.30 -0.36
C ILE A 359 -32.40 9.25 -1.44
N GLU A 360 -32.57 9.71 -2.66
CA GLU A 360 -32.38 8.87 -3.84
C GLU A 360 -30.93 8.97 -4.33
N VAL A 361 -30.34 7.81 -4.64
CA VAL A 361 -29.05 7.77 -5.28
C VAL A 361 -29.12 7.10 -6.67
N GLU A 362 -28.73 7.82 -7.71
CA GLU A 362 -28.40 7.20 -9.00
C GLU A 362 -27.00 6.53 -8.85
N ILE A 363 -26.96 5.20 -8.82
CA ILE A 363 -25.69 4.48 -8.86
C ILE A 363 -25.34 4.32 -10.34
N ARG A 364 -24.23 4.91 -10.78
CA ARG A 364 -23.80 4.81 -12.18
C ARG A 364 -22.49 4.01 -12.36
N GLN A 365 -22.54 2.83 -12.93
CA GLN A 365 -21.32 2.05 -13.02
C GLN A 365 -20.43 2.48 -14.19
N ILE A 366 -19.56 3.42 -13.89
CA ILE A 366 -18.52 3.90 -14.76
C ILE A 366 -17.38 2.91 -14.89
N GLU A 367 -16.60 3.01 -15.95
CA GLU A 367 -15.37 2.28 -16.05
C GLU A 367 -14.26 3.29 -16.12
N VAL A 368 -13.26 3.14 -15.26
CA VAL A 368 -12.10 4.03 -15.21
C VAL A 368 -12.41 5.16 -14.25
N PRO A 369 -11.40 5.87 -13.80
CA PRO A 369 -11.62 7.02 -12.95
C PRO A 369 -11.43 8.28 -13.75
N GLU A 370 -11.16 8.12 -15.04
CA GLU A 370 -10.99 9.22 -15.96
C GLU A 370 -12.25 10.00 -16.02
N GLU A 371 -13.36 9.30 -15.94
CA GLU A 371 -14.66 9.95 -15.94
C GLU A 371 -14.79 11.23 -15.06
N TYR A 372 -14.09 11.26 -13.95
CA TYR A 372 -14.29 12.36 -13.06
C TYR A 372 -13.88 13.63 -13.72
N MET A 373 -12.74 13.66 -14.38
CA MET A 373 -12.47 14.87 -15.12
C MET A 373 -13.43 15.11 -16.29
N ALA A 374 -13.69 14.08 -17.11
CA ALA A 374 -14.63 14.24 -18.19
C ALA A 374 -16.10 14.41 -17.92
N SER A 375 -16.64 13.57 -17.05
CA SER A 375 -18.06 13.64 -16.84
C SER A 375 -18.11 14.92 -16.14
N ASN A 376 -17.08 15.06 -15.35
CA ASN A 376 -16.96 16.25 -14.47
C ASN A 376 -18.31 16.53 -13.86
N ARG A 377 -18.86 17.73 -14.09
CA ARG A 377 -20.25 18.03 -13.77
C ARG A 377 -21.00 17.17 -12.75
N ASP A 378 -21.76 16.16 -13.22
CA ASP A 378 -22.93 15.59 -12.50
C ASP A 378 -22.69 15.05 -11.11
N TRP A 379 -21.65 14.22 -10.97
CA TRP A 379 -21.46 13.27 -9.83
C TRP A 379 -21.24 13.86 -8.43
N ASP A 380 -21.87 13.24 -7.45
CA ASP A 380 -21.69 13.67 -6.07
C ASP A 380 -20.58 12.90 -5.32
N LEU A 381 -20.64 11.56 -5.40
CA LEU A 381 -19.68 10.65 -4.76
C LEU A 381 -19.19 9.50 -5.66
N ILE A 382 -18.00 8.99 -5.34
CA ILE A 382 -17.56 7.73 -5.94
C ILE A 382 -16.96 6.75 -4.89
N THR A 383 -17.45 5.51 -4.93
CA THR A 383 -16.86 4.40 -4.20
C THR A 383 -15.48 4.19 -4.82
N TYR A 384 -14.45 4.82 -4.19
CA TYR A 384 -13.05 4.86 -4.70
C TYR A 384 -12.08 4.08 -3.83
N SER A 385 -10.79 4.15 -4.17
CA SER A 385 -9.74 3.37 -3.48
C SER A 385 -8.33 3.91 -3.74
N ASN A 386 -7.52 4.10 -2.70
CA ASN A 386 -6.13 4.52 -2.89
C ASN A 386 -5.20 3.76 -1.98
N VAL A 387 -3.94 3.65 -2.39
CA VAL A 387 -2.88 3.31 -1.40
C VAL A 387 -2.35 4.65 -0.94
N THR A 388 -2.44 4.93 0.36
CA THR A 388 -2.28 6.29 0.86
C THR A 388 -0.86 6.55 1.39
N SER A 389 -0.14 5.47 1.71
CA SER A 389 1.16 5.57 2.32
C SER A 389 2.03 4.42 1.82
N PRO A 390 2.43 4.50 0.55
CA PRO A 390 2.90 3.34 -0.20
C PRO A 390 4.17 2.76 0.41
N ARG A 391 5.08 3.63 0.87
CA ARG A 391 6.18 3.09 1.63
C ARG A 391 6.51 3.92 2.80
N GLY A 392 5.50 4.10 3.63
CA GLY A 392 5.62 4.85 4.86
C GLY A 392 5.57 6.35 4.78
N ASP A 393 5.31 6.89 3.60
CA ASP A 393 5.25 8.35 3.42
C ASP A 393 3.90 8.71 2.79
N ALA A 394 3.30 9.82 3.23
CA ALA A 394 2.00 10.14 2.75
C ALA A 394 2.02 11.39 1.94
N GLY A 395 3.21 11.97 1.72
CA GLY A 395 3.36 13.22 0.96
C GLY A 395 2.80 13.26 -0.46
N TYR A 396 3.03 12.18 -1.23
CA TYR A 396 2.48 12.08 -2.56
C TYR A 396 0.97 12.03 -2.46
N TYR A 397 0.44 11.16 -1.62
CA TYR A 397 -1.02 11.02 -1.59
C TYR A 397 -1.71 12.35 -1.30
N LEU A 398 -1.19 13.02 -0.28
CA LEU A 398 -1.90 14.13 0.27
C LEU A 398 -1.83 15.20 -0.75
N ASN A 399 -0.63 15.48 -1.21
CA ASN A 399 -0.51 16.48 -2.21
C ASN A 399 -1.42 16.17 -3.42
N ALA A 400 -1.38 14.93 -3.89
CA ALA A 400 -2.12 14.56 -5.06
C ALA A 400 -3.63 14.76 -4.86
N THR A 401 -4.11 14.50 -3.66
CA THR A 401 -5.58 14.45 -3.52
C THR A 401 -6.22 15.73 -2.94
N TYR A 402 -5.38 16.58 -2.35
CA TYR A 402 -5.88 17.67 -1.53
C TYR A 402 -5.35 19.02 -1.94
N HIS A 403 -4.13 19.09 -2.47
CA HIS A 403 -3.62 20.38 -2.85
C HIS A 403 -4.32 20.88 -4.11
N PRO A 404 -4.69 22.19 -4.16
CA PRO A 404 -5.29 22.81 -5.36
C PRO A 404 -4.68 22.31 -6.68
N THR A 405 -3.36 22.19 -6.74
CA THR A 405 -2.63 21.78 -7.94
C THR A 405 -2.63 20.26 -8.12
N GLY A 406 -3.14 19.54 -7.16
CA GLY A 406 -2.93 18.12 -7.15
C GLY A 406 -3.44 17.34 -8.33
N ALA A 407 -2.63 16.40 -8.75
CA ALA A 407 -2.83 15.65 -9.96
C ALA A 407 -4.10 14.87 -9.90
N LEU A 408 -4.36 14.33 -8.74
CA LEU A 408 -5.54 13.53 -8.53
C LEU A 408 -6.62 14.33 -7.91
N ASN A 409 -6.45 15.63 -7.79
CA ASN A 409 -7.50 16.38 -7.16
C ASN A 409 -8.63 16.56 -8.11
N PHE A 410 -9.73 15.88 -7.83
CA PHE A 410 -10.89 15.92 -8.74
C PHE A 410 -12.15 16.39 -8.02
N SER A 411 -12.01 16.59 -6.74
CA SER A 411 -13.13 17.07 -6.03
C SER A 411 -13.09 18.59 -5.93
N SER A 412 -12.25 19.22 -6.77
CA SER A 412 -12.08 20.68 -6.72
C SER A 412 -11.81 21.13 -5.26
N VAL A 413 -11.03 20.32 -4.54
CA VAL A 413 -10.70 20.53 -3.12
C VAL A 413 -9.73 21.67 -3.01
N ASN A 414 -10.09 22.68 -2.21
CA ASN A 414 -9.19 23.80 -2.07
C ASN A 414 -9.37 24.58 -0.79
N ASP A 415 -8.81 24.04 0.27
CA ASP A 415 -8.95 24.64 1.58
C ASP A 415 -7.58 25.19 2.01
N PRO A 416 -7.51 26.52 2.20
CA PRO A 416 -6.20 27.18 2.37
C PRO A 416 -5.50 26.72 3.64
N GLU A 417 -6.22 26.50 4.72
CA GLU A 417 -5.55 25.97 5.92
C GLU A 417 -4.77 24.67 5.62
N LEU A 418 -5.49 23.65 5.14
CA LEU A 418 -4.91 22.44 4.55
C LEU A 418 -3.76 22.67 3.55
N THR A 419 -4.03 23.44 2.50
CA THR A 419 -2.98 23.81 1.62
C THR A 419 -1.78 24.36 2.37
N GLY A 420 -2.07 25.06 3.47
CA GLY A 420 -1.00 25.57 4.33
C GLY A 420 -0.06 24.44 4.71
N ILE A 421 -0.65 23.37 5.26
CA ILE A 421 0.12 22.31 5.84
C ILE A 421 0.87 21.61 4.74
N ILE A 422 0.15 21.27 3.68
CA ILE A 422 0.75 20.48 2.60
C ILE A 422 1.94 21.23 2.05
N ASP A 423 1.77 22.53 1.87
CA ASP A 423 2.90 23.40 1.59
C ASP A 423 4.13 23.25 2.54
N GLU A 424 3.98 23.38 3.86
CA GLU A 424 5.18 23.22 4.70
C GLU A 424 5.68 21.84 4.45
N LEU A 425 4.75 20.87 4.45
CA LEU A 425 5.10 19.45 4.31
C LEU A 425 5.95 19.22 3.09
N ASN A 426 5.62 19.82 1.94
CA ASN A 426 6.41 19.64 0.71
C ASN A 426 7.79 20.36 0.77
N ARG A 427 7.96 21.26 1.72
CA ARG A 427 9.21 21.95 1.89
C ARG A 427 9.94 21.37 3.11
N THR A 428 9.62 20.12 3.51
CA THR A 428 10.19 19.54 4.76
C THR A 428 10.94 18.22 4.66
N VAL A 429 12.22 18.26 4.97
CA VAL A 429 13.09 17.10 4.86
C VAL A 429 13.05 16.10 6.04
N ASP A 430 13.02 16.62 7.27
CA ASP A 430 13.23 15.84 8.50
C ASP A 430 12.14 14.83 8.84
N GLN A 431 12.47 13.54 8.82
CA GLN A 431 11.43 12.52 9.02
C GLN A 431 10.46 12.79 10.21
N ASP A 432 10.94 13.30 11.33
CA ASP A 432 10.02 13.45 12.46
C ASP A 432 9.01 14.58 12.29
N VAL A 433 9.39 15.62 11.55
CA VAL A 433 8.46 16.75 11.32
C VAL A 433 7.52 16.46 10.16
N ARG A 434 8.02 15.72 9.17
CA ARG A 434 7.14 15.21 8.12
C ARG A 434 6.00 14.43 8.78
N ALA A 435 6.38 13.60 9.74
CA ALA A 435 5.43 12.95 10.59
C ALA A 435 4.46 13.93 11.27
N LYS A 436 4.96 15.01 11.88
CA LYS A 436 4.04 15.88 12.67
C LYS A 436 3.01 16.52 11.73
N LEU A 437 3.48 16.92 10.56
CA LEU A 437 2.63 17.63 9.61
C LEU A 437 1.54 16.72 9.01
N THR A 438 1.87 15.49 8.74
CA THR A 438 0.90 14.56 8.20
C THR A 438 -0.24 14.26 9.17
N GLU A 439 0.02 14.23 10.47
CA GLU A 439 -0.98 13.97 11.48
C GLU A 439 -1.93 15.13 11.46
N GLN A 440 -1.43 16.31 11.16
CA GLN A 440 -2.21 17.51 11.19
C GLN A 440 -3.10 17.61 10.00
N ALA A 441 -2.55 17.24 8.87
CA ALA A 441 -3.30 17.24 7.67
C ALA A 441 -4.36 16.16 7.84
N ALA A 442 -3.98 15.03 8.44
CA ALA A 442 -4.94 13.99 8.72
C ALA A 442 -6.05 14.57 9.61
N ALA A 443 -5.71 14.94 10.85
CA ALA A 443 -6.62 15.63 11.75
C ALA A 443 -7.51 16.66 11.03
N TYR A 444 -6.90 17.51 10.24
CA TYR A 444 -7.68 18.53 9.64
C TYR A 444 -8.70 17.96 8.67
N ILE A 445 -8.28 16.92 7.93
CA ILE A 445 -9.14 16.21 6.96
C ILE A 445 -10.30 15.48 7.66
N ASP A 446 -10.07 15.01 8.88
CA ASP A 446 -11.18 14.54 9.68
C ASP A 446 -12.20 15.63 10.03
N GLU A 447 -11.74 16.72 10.68
CA GLU A 447 -12.61 17.74 11.26
C GLU A 447 -13.54 18.24 10.17
N GLN A 448 -12.91 18.59 9.07
CA GLN A 448 -13.55 19.17 7.94
C GLN A 448 -14.19 18.08 7.07
N LYS A 449 -14.09 16.83 7.52
CA LYS A 449 -14.61 15.65 6.82
C LYS A 449 -14.47 15.67 5.32
N ILE A 450 -13.27 15.85 4.80
CA ILE A 450 -13.12 15.93 3.35
C ILE A 450 -13.36 14.62 2.58
N HIS A 451 -13.15 13.45 3.11
CA HIS A 451 -13.86 12.36 2.44
C HIS A 451 -14.34 11.37 3.46
N SER A 452 -14.90 10.25 3.04
CA SER A 452 -15.33 9.29 4.03
C SER A 452 -14.48 8.09 3.86
N PHE A 453 -13.77 7.71 4.91
CA PHE A 453 -12.91 6.55 4.79
C PHE A 453 -13.57 5.36 5.40
N LEU A 454 -13.79 4.35 4.55
CA LEU A 454 -14.55 3.15 4.85
C LEU A 454 -13.72 2.04 5.43
N ILE A 455 -13.00 1.34 4.59
CA ILE A 455 -12.21 0.23 5.09
C ILE A 455 -10.74 0.14 4.61
N HIS A 456 -10.03 -0.76 5.28
CA HIS A 456 -8.69 -1.12 4.94
C HIS A 456 -8.77 -2.60 4.56
N PRO A 457 -8.65 -2.91 3.27
CA PRO A 457 -8.71 -4.34 2.91
C PRO A 457 -7.41 -5.12 3.33
N SER A 458 -7.63 -6.34 3.84
CA SER A 458 -6.56 -7.20 4.36
C SER A 458 -5.81 -8.06 3.36
N ALA A 459 -4.50 -8.15 3.55
CA ALA A 459 -3.74 -9.17 2.86
C ALA A 459 -3.94 -10.39 3.69
N VAL A 460 -4.14 -11.51 3.02
CA VAL A 460 -4.50 -12.72 3.74
C VAL A 460 -3.55 -13.81 3.36
N VAL A 461 -3.10 -14.57 4.35
CA VAL A 461 -2.19 -15.68 4.15
C VAL A 461 -2.67 -16.90 4.91
N ALA A 462 -2.66 -18.06 4.28
CA ALA A 462 -2.95 -19.32 4.98
C ALA A 462 -1.73 -20.25 4.92
N TYR A 463 -1.49 -20.97 6.00
CA TYR A 463 -0.35 -21.91 6.05
C TYR A 463 -0.49 -23.06 7.04
N ASP A 464 0.26 -24.15 6.79
CA ASP A 464 0.36 -25.32 7.68
C ASP A 464 1.00 -24.89 8.99
N GLU A 465 0.18 -24.79 10.04
CA GLU A 465 0.56 -24.18 11.33
C GLU A 465 1.66 -24.98 11.96
N ASN A 466 1.75 -26.25 11.57
CA ASN A 466 2.55 -27.23 12.30
C ASN A 466 3.91 -27.47 11.67
N LYS A 467 4.05 -27.07 10.42
CA LYS A 467 5.32 -27.13 9.76
C LYS A 467 6.05 -25.79 9.88
N VAL A 468 5.31 -24.69 9.75
CA VAL A 468 5.88 -23.40 9.42
C VAL A 468 5.93 -22.51 10.63
N LYS A 469 7.09 -21.94 10.94
CA LYS A 469 7.27 -21.15 12.17
C LYS A 469 7.68 -19.77 11.79
N ASN A 470 7.13 -18.75 12.45
CA ASN A 470 7.59 -17.37 12.24
C ASN A 470 7.20 -16.78 10.92
N TRP A 471 6.15 -17.28 10.30
CA TRP A 471 5.68 -16.49 9.18
C TRP A 471 5.17 -15.16 9.72
N VAL A 472 5.69 -14.03 9.27
CA VAL A 472 4.98 -12.74 9.52
C VAL A 472 4.40 -12.28 8.20
N THR A 473 3.13 -11.91 8.18
CA THR A 473 2.46 -11.29 7.00
C THR A 473 2.68 -9.75 7.03
N THR A 474 3.45 -9.23 6.09
CA THR A 474 3.86 -7.83 6.19
C THR A 474 2.93 -6.85 5.50
N ARG A 475 2.79 -5.69 6.10
CA ARG A 475 1.89 -4.66 5.62
C ARG A 475 2.26 -4.08 4.27
N SER A 476 3.55 -3.90 4.01
CA SER A 476 3.96 -3.31 2.75
C SER A 476 3.69 -4.32 1.66
N GLU A 477 3.63 -5.57 2.09
CA GLU A 477 3.53 -6.68 1.18
C GLU A 477 4.79 -6.86 0.36
N TYR A 478 5.94 -6.41 0.88
CA TYR A 478 7.16 -6.54 0.14
C TYR A 478 7.91 -7.71 0.69
N TYR A 479 7.55 -8.12 1.90
CA TYR A 479 8.38 -9.07 2.58
C TYR A 479 7.62 -10.32 2.87
N MET A 480 8.18 -11.43 2.39
CA MET A 480 7.55 -12.72 2.54
C MET A 480 8.60 -13.73 2.87
N ILE A 481 9.52 -14.04 1.96
CA ILE A 481 10.49 -15.05 2.33
C ILE A 481 11.64 -14.29 2.98
N THR A 482 12.10 -14.74 4.15
CA THR A 482 13.09 -14.01 5.00
C THR A 482 13.86 -14.97 5.89
N ASN A 483 15.02 -14.57 6.41
CA ASN A 483 15.82 -15.42 7.28
C ASN A 483 15.09 -15.93 8.53
N GLN A 484 13.99 -15.31 8.90
CA GLN A 484 13.42 -15.66 10.16
C GLN A 484 12.65 -16.95 10.05
N LEU A 485 12.02 -17.22 8.90
CA LEU A 485 11.31 -18.47 8.67
C LEU A 485 12.02 -19.77 9.07
N ASP A 486 11.33 -20.68 9.76
CA ASP A 486 11.90 -22.03 9.97
C ASP A 486 10.86 -23.10 9.74
N VAL A 487 11.31 -24.36 9.65
CA VAL A 487 10.45 -25.55 9.57
C VAL A 487 10.58 -26.40 10.84
CA CA B . 26.62 -24.77 2.22
#